data_7DQU
#
_entry.id   7DQU
#
_cell.length_a   61.165
_cell.length_b   68.514
_cell.length_c   102.454
_cell.angle_alpha   90.00
_cell.angle_beta   90.00
_cell.angle_gamma   90.00
#
_symmetry.space_group_name_H-M   'P 21 21 21'
#
loop_
_entity.id
_entity.type
_entity.pdbx_description
1 polymer 'DNA gyrase subunit B'
2 non-polymer 1H-benzimidazol-2-amine
3 non-polymer '4-HYDROXY-BENZOIC ACID METHYL ESTER'
4 non-polymer 'PHOSPHATE ION'
5 water water
#
_entity_poly.entity_id   1
_entity_poly.type   'polypeptide(L)'
_entity_poly.pdbx_seq_one_letter_code
;LDAVRKRPGMYIGDTDDGTGLHHMVFEVVDNAIDEALAGHCKEIIVTIHADNSVSVQDDGRGIPTGIHPEEGVSAAEVIM
TVLHAGGKFDDNSYKVSGGLHGVGVSVVNALSQKLELVIQREGKIHRQIYEHGVPQAPLAVTGETEKTGTMVRFWPSLET
FTNVTEFEYEILAKRLRELSFLNSGVSIRLRDKRDGKEDHFHYEGG
;
_entity_poly.pdbx_strand_id   A,B
#
# COMPACT_ATOMS: atom_id res chain seq x y z
N LEU A 1 -3.54 -2.58 -7.90
CA LEU A 1 -2.28 -3.22 -7.43
C LEU A 1 -2.40 -4.05 -6.12
N ASP A 2 -3.50 -3.91 -5.38
CA ASP A 2 -3.68 -4.64 -4.11
C ASP A 2 -3.57 -6.17 -4.23
N ALA A 3 -4.02 -6.73 -5.35
CA ALA A 3 -3.86 -8.17 -5.61
C ALA A 3 -2.40 -8.61 -5.60
N VAL A 4 -1.51 -7.77 -6.17
CA VAL A 4 -0.07 -8.03 -6.18
C VAL A 4 0.51 -7.89 -4.77
N ARG A 5 0.12 -6.82 -4.07
CA ARG A 5 0.58 -6.58 -2.70
C ARG A 5 0.15 -7.70 -1.75
N LYS A 6 -1.03 -8.25 -1.99
CA LYS A 6 -1.58 -9.32 -1.16
C LYS A 6 -0.82 -10.64 -1.28
N ARG A 7 -0.36 -10.97 -2.48
CA ARG A 7 0.35 -12.22 -2.75
C ARG A 7 1.57 -11.97 -3.66
N PRO A 8 2.60 -11.26 -3.15
CA PRO A 8 3.76 -10.87 -3.97
C PRO A 8 4.47 -12.05 -4.66
N GLY A 9 4.64 -13.14 -3.92
CA GLY A 9 5.28 -14.35 -4.44
C GLY A 9 4.64 -14.96 -5.67
N MET A 10 3.32 -14.84 -5.79
CA MET A 10 2.59 -15.38 -6.94
C MET A 10 2.81 -14.59 -8.24
N TYR A 11 3.22 -13.33 -8.13
CA TYR A 11 3.49 -12.48 -9.30
C TYR A 11 4.98 -12.39 -9.67
N ILE A 12 5.83 -12.17 -8.67
CA ILE A 12 7.26 -11.95 -8.89
C ILE A 12 8.14 -13.20 -8.68
N GLY A 13 7.68 -14.14 -7.85
CA GLY A 13 8.46 -15.32 -7.46
C GLY A 13 8.89 -15.21 -6.01
N ASP A 14 9.58 -16.24 -5.52
CA ASP A 14 9.93 -16.37 -4.10
C ASP A 14 10.64 -15.12 -3.54
N THR A 15 10.02 -14.50 -2.53
CA THR A 15 10.52 -13.25 -1.95
C THR A 15 11.54 -13.43 -0.81
N ASP A 16 11.88 -14.68 -0.47
CA ASP A 16 12.86 -14.98 0.59
C ASP A 16 14.23 -15.43 0.07
N ASP A 17 14.27 -16.23 -1.00
CA ASP A 17 15.54 -16.82 -1.49
C ASP A 17 16.31 -15.99 -2.53
N GLY A 18 15.81 -14.80 -2.88
CA GLY A 18 16.44 -13.93 -3.86
C GLY A 18 15.95 -14.08 -5.30
N THR A 19 15.06 -15.07 -5.54
CA THR A 19 14.52 -15.30 -6.88
C THR A 19 13.64 -14.14 -7.33
N GLY A 20 12.66 -13.79 -6.49
CA GLY A 20 11.76 -12.67 -6.75
C GLY A 20 12.49 -11.34 -6.88
N LEU A 21 13.46 -11.10 -6.01
CA LEU A 21 14.25 -9.87 -6.02
C LEU A 21 14.88 -9.59 -7.39
N HIS A 22 15.51 -10.62 -7.96
CA HIS A 22 16.17 -10.48 -9.26
C HIS A 22 15.20 -10.45 -10.44
N HIS A 23 14.06 -11.14 -10.32
CA HIS A 23 12.99 -11.04 -11.31
C HIS A 23 12.47 -9.60 -11.49
N MET A 24 12.53 -8.79 -10.43
CA MET A 24 12.15 -7.37 -10.48
C MET A 24 12.97 -6.63 -11.54
N VAL A 25 14.28 -6.89 -11.57
CA VAL A 25 15.18 -6.30 -12.56
C VAL A 25 14.83 -6.79 -13.96
N PHE A 26 14.60 -8.10 -14.11
CA PHE A 26 14.36 -8.70 -15.43
C PHE A 26 13.05 -8.23 -16.06
N GLU A 27 12.04 -7.97 -15.24
CA GLU A 27 10.76 -7.44 -15.72
C GLU A 27 10.94 -6.03 -16.31
N VAL A 28 11.74 -5.20 -15.63
CA VAL A 28 12.03 -3.85 -16.10
C VAL A 28 12.90 -3.92 -17.37
N VAL A 29 13.87 -4.83 -17.38
CA VAL A 29 14.76 -5.01 -18.54
C VAL A 29 14.00 -5.44 -19.81
N ASP A 30 13.00 -6.30 -19.66
CA ASP A 30 12.14 -6.72 -20.79
C ASP A 30 11.48 -5.52 -21.47
N ASN A 31 10.97 -4.59 -20.67
CA ASN A 31 10.38 -3.35 -21.18
C ASN A 31 11.43 -2.45 -21.84
N ALA A 32 12.60 -2.34 -21.23
CA ALA A 32 13.72 -1.58 -21.79
C ALA A 32 14.19 -2.12 -23.14
N ILE A 33 14.22 -3.45 -23.27
CA ILE A 33 14.57 -4.12 -24.54
C ILE A 33 13.58 -3.79 -25.65
N ASP A 34 12.28 -3.81 -25.34
CA ASP A 34 11.25 -3.42 -26.32
C ASP A 34 11.45 -1.99 -26.81
N GLU A 35 11.80 -1.08 -25.88
CA GLU A 35 12.08 0.31 -26.21
C GLU A 35 13.38 0.48 -26.99
N ALA A 36 14.44 -0.19 -26.54
CA ALA A 36 15.73 -0.20 -27.25
C ALA A 36 15.73 -1.27 -28.36
N LEU A 37 14.87 -1.04 -29.35
CA LEU A 37 14.70 -1.93 -30.51
C LEU A 37 14.12 -1.12 -31.67
N ALA A 38 12.99 -0.47 -31.40
CA ALA A 38 12.41 0.53 -32.31
C ALA A 38 13.16 1.88 -32.34
N GLY A 39 14.14 2.08 -31.46
CA GLY A 39 15.01 3.26 -31.49
C GLY A 39 16.28 3.05 -32.32
N HIS A 40 17.07 4.12 -32.42
CA HIS A 40 18.37 4.10 -33.11
C HIS A 40 19.47 4.30 -32.08
N CYS A 41 20.55 3.52 -32.23
CA CYS A 41 21.67 3.33 -31.27
C CYS A 41 21.48 2.01 -30.51
N LYS A 42 20.31 1.84 -29.91
CA LYS A 42 19.87 0.56 -29.33
C LYS A 42 20.78 0.08 -28.20
N GLU A 43 20.76 0.81 -27.08
CA GLU A 43 21.55 0.45 -25.90
C GLU A 43 20.71 0.55 -24.63
N ILE A 44 20.94 -0.40 -23.73
CA ILE A 44 20.34 -0.39 -22.39
C ILE A 44 21.49 -0.39 -21.38
N ILE A 45 21.29 0.33 -20.28
CA ILE A 45 22.25 0.37 -19.18
C ILE A 45 21.54 -0.04 -17.89
N VAL A 46 21.99 -1.15 -17.30
CA VAL A 46 21.49 -1.61 -16.00
C VAL A 46 22.56 -1.27 -14.95
N THR A 47 22.18 -0.48 -13.95
CA THR A 47 23.12 -0.05 -12.91
C THR A 47 22.66 -0.50 -11.53
N ILE A 48 23.53 -1.19 -10.81
CA ILE A 48 23.31 -1.50 -9.39
C ILE A 48 23.93 -0.35 -8.60
N HIS A 49 23.10 0.35 -7.82
CA HIS A 49 23.54 1.51 -7.04
C HIS A 49 23.97 1.10 -5.63
N ALA A 50 24.76 1.96 -4.98
CA ALA A 50 25.29 1.71 -3.64
C ALA A 50 24.21 1.54 -2.58
N ASP A 51 23.10 2.28 -2.74
CA ASP A 51 21.94 2.19 -1.84
C ASP A 51 20.99 0.99 -2.12
N ASN A 52 21.45 0.02 -2.91
CA ASN A 52 20.72 -1.21 -3.21
C ASN A 52 19.43 -0.96 -4.02
N SER A 53 19.48 0.01 -4.92
CA SER A 53 18.47 0.19 -5.96
C SER A 53 19.09 -0.22 -7.28
N VAL A 54 18.24 -0.51 -8.26
CA VAL A 54 18.67 -0.79 -9.63
C VAL A 54 17.96 0.16 -10.57
N SER A 55 18.71 0.73 -11.51
CA SER A 55 18.14 1.56 -12.57
C SER A 55 18.38 0.93 -13.93
N VAL A 56 17.37 1.00 -14.79
CA VAL A 56 17.45 0.53 -16.17
C VAL A 56 17.13 1.72 -17.08
N GLN A 57 18.05 2.04 -17.99
CA GLN A 57 17.88 3.15 -18.93
C GLN A 57 17.90 2.58 -20.34
N ASP A 58 17.12 3.16 -21.23
CA ASP A 58 17.26 2.93 -22.67
C ASP A 58 17.34 4.26 -23.42
N ASP A 59 17.77 4.19 -24.68
CA ASP A 59 17.84 5.37 -25.55
C ASP A 59 16.85 5.25 -26.73
N GLY A 60 15.65 4.74 -26.43
CA GLY A 60 14.59 4.60 -27.41
C GLY A 60 13.80 5.89 -27.58
N ARG A 61 12.53 5.77 -27.96
CA ARG A 61 11.69 6.93 -28.25
C ARG A 61 11.15 7.62 -26.99
N GLY A 62 11.12 6.89 -25.86
CA GLY A 62 10.45 7.33 -24.64
C GLY A 62 9.03 6.78 -24.64
N ILE A 63 8.59 6.22 -23.51
CA ILE A 63 7.23 5.67 -23.41
C ILE A 63 6.19 6.81 -23.47
N PRO A 64 4.97 6.53 -23.99
CA PRO A 64 3.97 7.59 -24.16
C PRO A 64 3.64 8.35 -22.87
N THR A 65 3.60 9.69 -22.97
CA THR A 65 3.34 10.57 -21.83
C THR A 65 1.93 11.15 -21.78
N GLY A 66 1.24 11.20 -22.93
CA GLY A 66 -0.10 11.79 -23.03
C GLY A 66 -1.15 11.11 -22.18
N ILE A 67 -2.26 11.82 -21.93
CA ILE A 67 -3.32 11.33 -21.05
C ILE A 67 -4.06 10.17 -21.73
N HIS A 68 -4.23 9.08 -20.97
CA HIS A 68 -4.99 7.92 -21.44
C HIS A 68 -6.47 8.31 -21.42
N PRO A 69 -7.16 8.23 -22.58
CA PRO A 69 -8.54 8.73 -22.66
C PRO A 69 -9.54 8.00 -21.74
N GLU A 70 -9.34 6.70 -21.52
CA GLU A 70 -10.20 5.92 -20.62
C GLU A 70 -9.92 6.19 -19.14
N GLU A 71 -8.64 6.13 -18.75
CA GLU A 71 -8.24 6.20 -17.34
C GLU A 71 -8.15 7.63 -16.80
N GLY A 72 -7.90 8.60 -17.68
CA GLY A 72 -7.81 10.01 -17.28
C GLY A 72 -6.52 10.41 -16.57
N VAL A 73 -5.48 9.60 -16.74
CA VAL A 73 -4.13 9.93 -16.25
C VAL A 73 -3.13 9.60 -17.36
N SER A 74 -1.86 9.98 -17.17
CA SER A 74 -0.83 9.74 -18.18
C SER A 74 -0.74 8.25 -18.54
N ALA A 75 -0.49 7.97 -19.83
CA ALA A 75 -0.32 6.59 -20.31
C ALA A 75 0.78 5.86 -19.53
N ALA A 76 1.84 6.58 -19.18
CA ALA A 76 2.91 6.06 -18.34
C ALA A 76 2.40 5.58 -16.98
N GLU A 77 1.57 6.41 -16.33
CA GLU A 77 0.98 6.03 -15.03
C GLU A 77 0.07 4.81 -15.14
N VAL A 78 -0.67 4.69 -16.24
CA VAL A 78 -1.53 3.53 -16.49
C VAL A 78 -0.69 2.24 -16.52
N ILE A 79 0.44 2.30 -17.23
CA ILE A 79 1.38 1.16 -17.31
C ILE A 79 1.95 0.82 -15.92
N MET A 80 2.26 1.85 -15.12
CA MET A 80 2.82 1.66 -13.78
C MET A 80 1.82 1.19 -12.71
N THR A 81 0.52 1.42 -12.92
CA THR A 81 -0.49 1.15 -11.87
C THR A 81 -1.63 0.18 -12.24
N VAL A 82 -1.64 -0.35 -13.46
CA VAL A 82 -2.68 -1.28 -13.91
C VAL A 82 -2.05 -2.59 -14.39
N LEU A 83 -2.60 -3.72 -13.97
CA LEU A 83 -2.14 -5.03 -14.43
C LEU A 83 -2.57 -5.30 -15.86
N GLY A 102 5.54 -12.28 -19.49
CA GLY A 102 5.88 -11.14 -18.64
C GLY A 102 4.72 -10.67 -17.78
N VAL A 103 5.01 -10.38 -16.51
CA VAL A 103 3.99 -9.94 -15.54
C VAL A 103 3.76 -8.42 -15.47
N GLY A 104 4.52 -7.64 -16.24
CA GLY A 104 4.38 -6.18 -16.27
C GLY A 104 5.16 -5.43 -15.22
N VAL A 105 5.59 -4.21 -15.56
CA VAL A 105 6.31 -3.31 -14.65
C VAL A 105 5.45 -2.82 -13.47
N SER A 106 4.12 -2.86 -13.61
CA SER A 106 3.20 -2.55 -12.51
C SER A 106 3.44 -3.41 -11.27
N VAL A 107 3.84 -4.66 -11.47
CA VAL A 107 4.21 -5.57 -10.38
C VAL A 107 5.45 -5.05 -9.64
N VAL A 108 6.46 -4.65 -10.42
CA VAL A 108 7.71 -4.10 -9.87
C VAL A 108 7.43 -2.83 -9.05
N ASN A 109 6.56 -1.98 -9.59
CA ASN A 109 6.13 -0.74 -8.93
C ASN A 109 5.46 -1.03 -7.59
N ALA A 110 4.51 -1.95 -7.60
CA ALA A 110 3.75 -2.34 -6.40
C ALA A 110 4.65 -2.85 -5.26
N LEU A 111 5.72 -3.55 -5.62
CA LEU A 111 6.64 -4.15 -4.64
C LEU A 111 7.94 -3.37 -4.45
N SER A 112 7.96 -2.10 -4.86
CA SER A 112 9.09 -1.21 -4.65
C SER A 112 8.68 -0.12 -3.67
N GLN A 113 9.44 0.03 -2.58
CA GLN A 113 9.19 1.10 -1.61
C GLN A 113 9.36 2.50 -2.23
N LYS A 114 10.21 2.61 -3.26
CA LYS A 114 10.26 3.80 -4.12
C LYS A 114 10.56 3.41 -5.57
N LEU A 115 9.99 4.16 -6.51
CA LEU A 115 10.29 4.01 -7.94
C LEU A 115 10.31 5.38 -8.61
N GLU A 116 11.39 5.66 -9.33
CA GLU A 116 11.59 6.91 -10.04
C GLU A 116 11.47 6.64 -11.54
N LEU A 117 10.59 7.39 -12.21
CA LEU A 117 10.38 7.28 -13.66
C LEU A 117 10.85 8.56 -14.32
N VAL A 118 11.71 8.45 -15.32
CA VAL A 118 12.17 9.61 -16.11
C VAL A 118 12.01 9.29 -17.59
N ILE A 119 11.20 10.09 -18.29
CA ILE A 119 10.93 9.88 -19.72
C ILE A 119 11.39 11.11 -20.51
N GLN A 120 12.26 10.89 -21.49
CA GLN A 120 12.71 11.93 -22.41
C GLN A 120 12.03 11.69 -23.76
N ARG A 121 11.14 12.60 -24.14
CA ARG A 121 10.27 12.41 -25.31
C ARG A 121 9.77 13.75 -25.84
N GLU A 122 9.80 13.92 -27.16
CA GLU A 122 9.27 15.11 -27.84
C GLU A 122 9.83 16.43 -27.29
N GLY A 123 11.14 16.45 -27.08
CA GLY A 123 11.85 17.64 -26.61
C GLY A 123 11.73 17.98 -25.13
N LYS A 124 11.13 17.08 -24.33
CA LYS A 124 10.80 17.37 -22.93
C LYS A 124 11.24 16.23 -22.00
N ILE A 125 11.70 16.57 -20.80
CA ILE A 125 11.98 15.61 -19.74
C ILE A 125 10.75 15.53 -18.86
N HIS A 126 10.28 14.31 -18.58
CA HIS A 126 9.13 14.07 -17.71
C HIS A 126 9.58 13.24 -16.50
N ARG A 127 9.10 13.59 -15.31
CA ARG A 127 9.45 12.86 -14.07
C ARG A 127 8.23 12.49 -13.24
N GLN A 128 8.31 11.34 -12.58
CA GLN A 128 7.30 10.91 -11.62
C GLN A 128 7.91 9.98 -10.58
N ILE A 129 7.47 10.13 -9.33
CA ILE A 129 7.91 9.30 -8.22
C ILE A 129 6.72 8.49 -7.71
N TYR A 130 6.97 7.21 -7.46
CA TYR A 130 6.00 6.32 -6.80
C TYR A 130 6.59 5.83 -5.48
N GLU A 131 5.71 5.50 -4.54
CA GLU A 131 6.08 4.83 -3.29
C GLU A 131 5.09 3.70 -3.05
N HIS A 132 5.58 2.46 -3.03
CA HIS A 132 4.75 1.25 -2.92
C HIS A 132 3.62 1.21 -3.96
N GLY A 133 3.93 1.66 -5.18
CA GLY A 133 2.97 1.68 -6.29
C GLY A 133 2.05 2.89 -6.37
N VAL A 134 2.17 3.82 -5.41
CA VAL A 134 1.27 4.98 -5.31
C VAL A 134 1.99 6.21 -5.86
N PRO A 135 1.45 6.82 -6.93
CA PRO A 135 2.12 8.02 -7.47
C PRO A 135 2.04 9.19 -6.48
N GLN A 136 3.17 9.87 -6.29
CA GLN A 136 3.24 10.99 -5.34
C GLN A 136 2.75 12.28 -5.98
N ALA A 137 2.84 12.37 -7.30
CA ALA A 137 2.23 13.45 -8.08
C ALA A 137 2.02 12.96 -9.51
N PRO A 138 1.24 13.71 -10.33
CA PRO A 138 1.11 13.35 -11.74
C PRO A 138 2.43 13.47 -12.50
N LEU A 139 2.60 12.68 -13.56
CA LEU A 139 3.75 12.81 -14.46
C LEU A 139 3.84 14.26 -14.91
N ALA A 140 5.02 14.85 -14.73
CA ALA A 140 5.20 16.30 -14.88
C ALA A 140 6.42 16.62 -15.74
N VAL A 141 6.29 17.64 -16.57
CA VAL A 141 7.39 18.13 -17.41
C VAL A 141 8.34 18.95 -16.53
N THR A 142 9.60 18.55 -16.47
CA THR A 142 10.61 19.19 -15.59
C THR A 142 11.71 19.97 -16.35
N GLY A 143 11.74 19.88 -17.67
CA GLY A 143 12.77 20.57 -18.45
C GLY A 143 12.77 20.19 -19.92
N GLU A 144 13.77 20.71 -20.64
CA GLU A 144 13.95 20.44 -22.07
C GLU A 144 15.15 19.51 -22.29
N THR A 145 15.11 18.80 -23.41
CA THR A 145 16.18 17.88 -23.79
C THR A 145 16.12 17.55 -25.28
N GLU A 146 17.29 17.30 -25.87
CA GLU A 146 17.39 16.81 -27.24
C GLU A 146 17.31 15.27 -27.29
N LYS A 147 17.72 14.61 -26.21
CA LYS A 147 17.76 13.16 -26.14
C LYS A 147 16.37 12.54 -25.98
N THR A 148 16.28 11.24 -26.26
CA THR A 148 15.06 10.46 -26.05
C THR A 148 15.38 9.18 -25.28
N GLY A 149 14.39 8.65 -24.59
CA GLY A 149 14.54 7.42 -23.81
C GLY A 149 13.70 7.38 -22.55
N THR A 150 13.77 6.26 -21.85
CA THR A 150 13.08 6.05 -20.58
C THR A 150 14.07 5.51 -19.56
N MET A 151 13.87 5.90 -18.29
CA MET A 151 14.67 5.41 -17.19
C MET A 151 13.75 5.07 -16.02
N VAL A 152 13.93 3.87 -15.46
CA VAL A 152 13.23 3.46 -14.26
C VAL A 152 14.27 3.02 -13.23
N ARG A 153 14.27 3.68 -12.07
CA ARG A 153 15.08 3.28 -10.92
C ARG A 153 14.14 2.88 -9.80
N PHE A 154 14.33 1.68 -9.24
CA PHE A 154 13.44 1.19 -8.19
C PHE A 154 14.22 0.68 -6.97
N TRP A 155 13.61 0.92 -5.80
CA TRP A 155 14.14 0.50 -4.51
C TRP A 155 13.23 -0.63 -4.05
N PRO A 156 13.70 -1.90 -4.10
CA PRO A 156 12.80 -2.98 -3.70
C PRO A 156 12.37 -2.89 -2.24
N SER A 157 11.10 -3.17 -1.97
CA SER A 157 10.54 -3.03 -0.63
C SER A 157 11.10 -4.10 0.31
N LEU A 158 11.77 -3.65 1.37
CA LEU A 158 12.30 -4.57 2.39
C LEU A 158 11.22 -5.15 3.31
N GLU A 159 9.98 -4.65 3.19
CA GLU A 159 8.82 -5.30 3.80
C GLU A 159 8.42 -6.59 3.08
N THR A 160 8.65 -6.64 1.76
CA THR A 160 8.34 -7.82 0.94
C THR A 160 9.54 -8.75 0.84
N PHE A 161 10.68 -8.20 0.42
CA PHE A 161 11.88 -9.00 0.15
C PHE A 161 12.74 -9.17 1.40
N THR A 162 12.81 -10.42 1.87
CA THR A 162 13.50 -10.78 3.11
C THR A 162 14.70 -11.68 2.84
N ASN A 163 15.57 -11.82 3.84
CA ASN A 163 16.77 -12.67 3.79
C ASN A 163 17.76 -12.22 2.70
N VAL A 164 17.50 -12.57 1.44
CA VAL A 164 18.30 -12.10 0.32
C VAL A 164 17.73 -10.74 -0.13
N THR A 165 18.33 -9.67 0.37
CA THR A 165 17.89 -8.29 0.07
C THR A 165 18.82 -7.53 -0.88
N GLU A 166 20.07 -7.98 -1.03
CA GLU A 166 21.06 -7.30 -1.86
C GLU A 166 21.22 -7.99 -3.22
N PHE A 167 21.36 -7.19 -4.27
CA PHE A 167 21.46 -7.71 -5.64
C PHE A 167 22.82 -8.35 -5.90
N GLU A 168 22.82 -9.63 -6.21
CA GLU A 168 24.03 -10.33 -6.69
C GLU A 168 24.30 -9.97 -8.16
N TYR A 169 25.51 -9.47 -8.42
CA TYR A 169 25.94 -9.05 -9.75
C TYR A 169 25.86 -10.16 -10.80
N GLU A 170 26.31 -11.36 -10.43
CA GLU A 170 26.42 -12.47 -11.38
C GLU A 170 25.07 -13.06 -11.80
N ILE A 171 24.06 -12.97 -10.95
CA ILE A 171 22.69 -13.37 -11.31
C ILE A 171 22.16 -12.47 -12.43
N LEU A 172 22.43 -11.17 -12.33
CA LEU A 172 22.04 -10.21 -13.38
C LEU A 172 22.86 -10.42 -14.65
N ALA A 173 24.18 -10.51 -14.49
CA ALA A 173 25.11 -10.70 -15.62
C ALA A 173 24.76 -11.93 -16.48
N LYS A 174 24.42 -13.04 -15.82
CA LYS A 174 24.02 -14.28 -16.48
C LYS A 174 22.82 -14.08 -17.41
N ARG A 175 21.75 -13.49 -16.86
CA ARG A 175 20.51 -13.27 -17.62
C ARG A 175 20.69 -12.26 -18.75
N LEU A 176 21.41 -11.18 -18.48
CA LEU A 176 21.66 -10.13 -19.49
C LEU A 176 22.50 -10.65 -20.65
N ARG A 177 23.44 -11.56 -20.36
CA ARG A 177 24.20 -12.26 -21.40
C ARG A 177 23.25 -13.06 -22.31
N GLU A 178 22.36 -13.85 -21.72
CA GLU A 178 21.39 -14.65 -22.48
C GLU A 178 20.55 -13.76 -23.40
N LEU A 179 20.09 -12.63 -22.85
CA LEU A 179 19.28 -11.66 -23.61
C LEU A 179 20.02 -11.00 -24.78
N SER A 180 21.33 -10.75 -24.61
CA SER A 180 22.14 -10.12 -25.65
C SER A 180 22.25 -10.97 -26.93
N PHE A 181 22.32 -12.29 -26.76
CA PHE A 181 22.30 -13.22 -27.90
C PHE A 181 20.94 -13.24 -28.60
N LEU A 182 19.87 -13.29 -27.82
CA LEU A 182 18.50 -13.32 -28.36
C LEU A 182 18.14 -11.99 -29.03
N ASN A 183 18.50 -10.89 -28.38
CA ASN A 183 18.26 -9.54 -28.90
C ASN A 183 19.58 -9.01 -29.48
N SER A 184 19.92 -9.55 -30.65
CA SER A 184 21.23 -9.35 -31.28
C SER A 184 21.59 -7.90 -31.63
N GLY A 185 20.58 -7.09 -31.95
CA GLY A 185 20.81 -5.68 -32.27
C GLY A 185 21.09 -4.75 -31.10
N VAL A 186 20.83 -5.22 -29.87
CA VAL A 186 20.82 -4.36 -28.68
C VAL A 186 22.10 -4.48 -27.85
N SER A 187 22.67 -3.33 -27.48
CA SER A 187 23.80 -3.27 -26.56
C SER A 187 23.29 -3.27 -25.11
N ILE A 188 23.89 -4.10 -24.26
CA ILE A 188 23.51 -4.18 -22.84
C ILE A 188 24.73 -3.95 -21.96
N ARG A 189 24.73 -2.84 -21.22
CA ARG A 189 25.78 -2.54 -20.25
C ARG A 189 25.28 -2.81 -18.83
N LEU A 190 26.11 -3.50 -18.05
CA LEU A 190 25.84 -3.74 -16.63
C LEU A 190 26.93 -3.04 -15.83
N ARG A 191 26.52 -2.25 -14.83
CA ARG A 191 27.44 -1.49 -13.97
C ARG A 191 27.11 -1.73 -12.51
N ASP A 192 28.14 -1.91 -11.69
CA ASP A 192 27.99 -2.07 -10.25
C ASP A 192 28.74 -0.93 -9.55
N LYS A 193 27.99 0.00 -8.97
CA LYS A 193 28.57 1.15 -8.26
C LYS A 193 29.07 0.83 -6.86
N ARG A 194 28.75 -0.36 -6.33
CA ARG A 194 29.23 -0.79 -5.01
C ARG A 194 30.73 -1.11 -5.02
N ASP A 195 31.18 -1.83 -6.06
CA ASP A 195 32.58 -2.23 -6.20
C ASP A 195 33.21 -1.94 -7.59
N GLY A 196 32.56 -1.12 -8.41
CA GLY A 196 33.09 -0.72 -9.72
C GLY A 196 33.12 -1.76 -10.83
N LYS A 197 32.52 -2.92 -10.62
CA LYS A 197 32.52 -3.99 -11.62
C LYS A 197 31.59 -3.65 -12.77
N GLU A 198 31.97 -4.04 -13.99
CA GLU A 198 31.14 -3.78 -15.18
C GLU A 198 31.32 -4.80 -16.30
N ASP A 199 30.29 -4.90 -17.13
CA ASP A 199 30.29 -5.75 -18.32
C ASP A 199 29.56 -5.06 -19.46
N HIS A 200 29.84 -5.52 -20.68
CA HIS A 200 29.21 -4.99 -21.88
C HIS A 200 28.86 -6.16 -22.81
N PHE A 201 27.58 -6.53 -22.83
CA PHE A 201 27.09 -7.65 -23.63
C PHE A 201 26.54 -7.12 -24.95
N HIS A 202 27.21 -7.46 -26.05
CA HIS A 202 26.75 -7.08 -27.39
C HIS A 202 27.15 -8.16 -28.40
N TYR A 203 26.16 -8.68 -29.12
CA TYR A 203 26.37 -9.77 -30.09
C TYR A 203 26.84 -9.22 -31.44
N LEU B 1 -8.41 0.20 -3.18
CA LEU B 1 -7.93 1.22 -2.19
C LEU B 1 -6.92 2.23 -2.75
N ASP B 2 -6.32 1.98 -3.92
CA ASP B 2 -5.31 2.88 -4.50
C ASP B 2 -5.80 4.33 -4.69
N ALA B 3 -7.08 4.50 -5.01
CA ALA B 3 -7.70 5.84 -5.11
C ALA B 3 -7.56 6.64 -3.81
N VAL B 4 -7.73 5.96 -2.67
CA VAL B 4 -7.59 6.59 -1.34
C VAL B 4 -6.11 6.89 -1.05
N ARG B 5 -5.23 5.95 -1.39
CA ARG B 5 -3.78 6.13 -1.21
C ARG B 5 -3.24 7.28 -2.05
N LYS B 6 -3.79 7.46 -3.26
CA LYS B 6 -3.35 8.49 -4.20
C LYS B 6 -3.65 9.91 -3.71
N ARG B 7 -4.83 10.10 -3.10
CA ARG B 7 -5.24 11.38 -2.53
C ARG B 7 -5.95 11.17 -1.19
N PRO B 8 -5.19 10.92 -0.11
CA PRO B 8 -5.78 10.67 1.23
C PRO B 8 -6.63 11.82 1.76
N GLY B 9 -6.20 13.06 1.52
CA GLY B 9 -6.91 14.25 1.97
C GLY B 9 -8.36 14.38 1.53
N MET B 10 -8.67 13.89 0.33
CA MET B 10 -10.04 13.90 -0.21
C MET B 10 -10.99 12.98 0.58
N TYR B 11 -10.47 11.89 1.14
CA TYR B 11 -11.29 10.90 1.84
C TYR B 11 -11.36 11.13 3.36
N ILE B 12 -10.20 11.34 3.99
CA ILE B 12 -10.13 11.47 5.47
C ILE B 12 -10.13 12.92 5.97
N GLY B 13 -9.75 13.87 5.11
CA GLY B 13 -9.64 15.28 5.48
C GLY B 13 -8.19 15.69 5.68
N ASP B 14 -7.97 16.82 6.34
CA ASP B 14 -6.63 17.39 6.48
C ASP B 14 -5.73 16.47 7.31
N THR B 15 -4.69 15.94 6.66
CA THR B 15 -3.77 14.97 7.28
C THR B 15 -2.60 15.61 8.05
N ASP B 16 -2.55 16.94 8.11
CA ASP B 16 -1.49 17.67 8.82
C ASP B 16 -1.92 18.25 10.18
N ASP B 17 -3.12 18.85 10.24
CA ASP B 17 -3.58 19.57 11.44
C ASP B 17 -4.25 18.71 12.54
N GLY B 18 -4.35 17.40 12.33
CA GLY B 18 -4.93 16.50 13.33
C GLY B 18 -6.42 16.20 13.19
N THR B 19 -7.12 16.93 12.33
CA THR B 19 -8.56 16.72 12.12
C THR B 19 -8.83 15.39 11.41
N GLY B 20 -8.04 15.11 10.37
CA GLY B 20 -8.09 13.81 9.68
C GLY B 20 -7.73 12.65 10.57
N LEU B 21 -6.72 12.84 11.42
CA LEU B 21 -6.28 11.80 12.37
C LEU B 21 -7.41 11.35 13.30
N HIS B 22 -8.12 12.31 13.87
CA HIS B 22 -9.23 12.01 14.79
C HIS B 22 -10.47 11.50 14.06
N HIS B 23 -10.68 11.95 12.82
CA HIS B 23 -11.73 11.40 11.96
C HIS B 23 -11.58 9.89 11.75
N MET B 24 -10.34 9.40 11.75
CA MET B 24 -10.07 7.94 11.69
C MET B 24 -10.76 7.21 12.84
N VAL B 25 -10.64 7.75 14.06
CA VAL B 25 -11.28 7.16 15.24
C VAL B 25 -12.80 7.21 15.11
N PHE B 26 -13.34 8.37 14.73
CA PHE B 26 -14.79 8.59 14.71
C PHE B 26 -15.50 7.78 13.61
N GLU B 27 -14.80 7.53 12.50
CA GLU B 27 -15.32 6.61 11.48
C GLU B 27 -15.46 5.19 12.03
N VAL B 28 -14.46 4.73 12.76
CA VAL B 28 -14.50 3.40 13.38
C VAL B 28 -15.59 3.34 14.47
N VAL B 29 -15.71 4.42 15.25
CA VAL B 29 -16.73 4.50 16.31
C VAL B 29 -18.16 4.41 15.74
N ASP B 30 -18.41 5.11 14.63
CA ASP B 30 -19.73 5.05 13.96
C ASP B 30 -20.12 3.63 13.58
N ASN B 31 -19.17 2.85 13.06
CA ASN B 31 -19.39 1.44 12.74
C ASN B 31 -19.67 0.61 14.00
N ALA B 32 -18.93 0.88 15.08
CA ALA B 32 -19.12 0.18 16.36
C ALA B 32 -20.48 0.48 16.98
N ILE B 33 -20.93 1.72 16.88
CA ILE B 33 -22.26 2.12 17.35
C ILE B 33 -23.36 1.39 16.57
N ASP B 34 -23.21 1.29 15.25
CA ASP B 34 -24.13 0.51 14.41
C ASP B 34 -24.22 -0.95 14.87
N GLU B 35 -23.07 -1.56 15.18
CA GLU B 35 -23.03 -2.93 15.69
C GLU B 35 -23.65 -3.05 17.08
N ALA B 36 -23.38 -2.08 17.95
CA ALA B 36 -23.92 -2.07 19.31
C ALA B 36 -25.44 -1.93 19.37
N LEU B 37 -25.99 -1.09 18.49
CA LEU B 37 -27.44 -0.86 18.41
C LEU B 37 -28.25 -2.10 17.99
N ALA B 38 -27.63 -3.01 17.26
CA ALA B 38 -28.29 -4.26 16.83
C ALA B 38 -28.51 -5.26 17.97
N GLY B 39 -27.73 -5.15 19.06
CA GLY B 39 -27.88 -6.01 20.24
C GLY B 39 -28.67 -5.34 21.36
N HIS B 40 -28.82 -6.06 22.48
CA HIS B 40 -29.57 -5.57 23.65
C HIS B 40 -28.66 -4.88 24.66
N CYS B 41 -27.56 -5.54 25.02
CA CYS B 41 -26.60 -4.99 26.00
C CYS B 41 -25.99 -3.69 25.51
N LYS B 42 -25.34 -3.75 24.35
CA LYS B 42 -24.81 -2.57 23.66
C LYS B 42 -23.78 -1.78 24.48
N GLU B 43 -22.53 -2.21 24.41
CA GLU B 43 -21.42 -1.43 24.96
C GLU B 43 -20.29 -1.37 23.93
N ILE B 44 -19.70 -0.18 23.76
CA ILE B 44 -18.44 -0.04 23.04
C ILE B 44 -17.38 0.49 23.99
N ILE B 45 -16.13 0.09 23.75
CA ILE B 45 -14.99 0.56 24.52
C ILE B 45 -13.97 1.12 23.54
N VAL B 46 -13.65 2.40 23.69
CA VAL B 46 -12.62 3.08 22.88
C VAL B 46 -11.38 3.22 23.77
N THR B 47 -10.26 2.66 23.34
CA THR B 47 -9.02 2.69 24.14
C THR B 47 -7.89 3.36 23.36
N ILE B 48 -7.27 4.38 23.95
CA ILE B 48 -6.06 5.00 23.43
C ILE B 48 -4.89 4.26 24.08
N HIS B 49 -4.16 3.47 23.29
CA HIS B 49 -3.04 2.68 23.78
C HIS B 49 -1.76 3.52 23.87
N ALA B 50 -0.77 3.00 24.60
CA ALA B 50 0.49 3.71 24.85
C ALA B 50 1.39 3.86 23.60
N ASP B 51 1.19 3.00 22.60
CA ASP B 51 1.90 3.10 21.32
C ASP B 51 1.20 4.01 20.29
N ASN B 52 0.28 4.86 20.75
CA ASN B 52 -0.55 5.73 19.91
C ASN B 52 -1.36 5.01 18.81
N SER B 53 -1.80 3.78 19.11
CA SER B 53 -2.87 3.12 18.37
C SER B 53 -4.15 3.34 19.15
N VAL B 54 -5.28 3.15 18.47
CA VAL B 54 -6.60 3.23 19.09
C VAL B 54 -7.34 1.94 18.74
N SER B 55 -7.95 1.32 19.76
CA SER B 55 -8.82 0.16 19.56
C SER B 55 -10.26 0.54 19.89
N VAL B 56 -11.18 0.00 19.09
CA VAL B 56 -12.61 0.17 19.31
C VAL B 56 -13.20 -1.24 19.29
N GLN B 57 -13.95 -1.58 20.35
CA GLN B 57 -14.57 -2.89 20.47
C GLN B 57 -16.05 -2.71 20.80
N ASP B 58 -16.87 -3.65 20.34
CA ASP B 58 -18.28 -3.71 20.71
C ASP B 58 -18.64 -5.15 21.05
N ASP B 59 -19.77 -5.32 21.74
CA ASP B 59 -20.28 -6.66 22.08
C ASP B 59 -21.53 -7.03 21.26
N GLY B 60 -21.54 -6.62 19.99
CA GLY B 60 -22.65 -6.90 19.07
C GLY B 60 -22.53 -8.28 18.45
N ARG B 61 -23.15 -8.45 17.29
CA ARG B 61 -23.23 -9.76 16.62
C ARG B 61 -21.91 -10.24 16.03
N GLY B 62 -21.03 -9.28 15.67
CA GLY B 62 -19.79 -9.56 14.96
C GLY B 62 -19.98 -9.36 13.47
N ILE B 63 -18.99 -8.76 12.81
CA ILE B 63 -19.01 -8.58 11.35
C ILE B 63 -19.10 -9.95 10.66
N PRO B 64 -19.87 -10.07 9.56
CA PRO B 64 -19.93 -11.34 8.82
C PRO B 64 -18.54 -11.85 8.42
N THR B 65 -18.31 -13.14 8.62
CA THR B 65 -17.00 -13.77 8.39
C THR B 65 -16.95 -14.75 7.21
N GLY B 66 -18.12 -15.15 6.68
CA GLY B 66 -18.18 -16.11 5.59
C GLY B 66 -17.62 -15.57 4.28
N ILE B 67 -17.22 -16.48 3.40
CA ILE B 67 -16.58 -16.10 2.14
C ILE B 67 -17.63 -15.49 1.21
N HIS B 68 -17.31 -14.31 0.66
CA HIS B 68 -18.17 -13.62 -0.30
C HIS B 68 -18.13 -14.40 -1.62
N PRO B 69 -19.30 -14.78 -2.18
CA PRO B 69 -19.29 -15.63 -3.40
C PRO B 69 -18.56 -15.04 -4.61
N GLU B 70 -18.75 -13.74 -4.87
CA GLU B 70 -18.09 -13.05 -5.98
C GLU B 70 -16.63 -12.73 -5.71
N GLU B 71 -16.36 -12.07 -4.58
CA GLU B 71 -15.03 -11.56 -4.24
C GLU B 71 -14.05 -12.68 -3.86
N GLY B 72 -14.56 -13.79 -3.34
CA GLY B 72 -13.74 -14.96 -2.98
C GLY B 72 -12.88 -14.80 -1.74
N VAL B 73 -13.25 -13.86 -0.88
CA VAL B 73 -12.58 -13.64 0.41
C VAL B 73 -13.66 -13.43 1.47
N SER B 74 -13.28 -13.46 2.74
CA SER B 74 -14.21 -13.25 3.85
C SER B 74 -14.95 -11.92 3.68
N ALA B 75 -16.23 -11.89 4.06
CA ALA B 75 -17.04 -10.67 4.02
C ALA B 75 -16.38 -9.53 4.80
N ALA B 76 -15.75 -9.87 5.93
CA ALA B 76 -14.95 -8.92 6.71
C ALA B 76 -13.85 -8.28 5.86
N GLU B 77 -13.11 -9.08 5.11
CA GLU B 77 -12.05 -8.56 4.23
C GLU B 77 -12.61 -7.64 3.13
N VAL B 78 -13.75 -8.01 2.56
CA VAL B 78 -14.39 -7.16 1.54
C VAL B 78 -14.70 -5.77 2.13
N ILE B 79 -15.26 -5.76 3.34
CA ILE B 79 -15.58 -4.50 4.04
C ILE B 79 -14.30 -3.68 4.31
N MET B 80 -13.22 -4.37 4.68
CA MET B 80 -11.94 -3.71 4.97
C MET B 80 -11.14 -3.25 3.73
N THR B 81 -11.41 -3.83 2.55
CA THR B 81 -10.58 -3.59 1.34
C THR B 81 -11.29 -3.02 0.10
N VAL B 82 -12.62 -2.83 0.17
CA VAL B 82 -13.39 -2.30 -0.95
C VAL B 82 -13.97 -0.92 -0.58
N LEU B 83 -13.84 0.03 -1.49
CA LEU B 83 -14.17 1.43 -1.23
C LEU B 83 -15.68 1.69 -1.34
N GLY B 102 -21.02 7.88 5.89
CA GLY B 102 -19.61 7.98 6.27
C GLY B 102 -18.67 7.54 5.16
N VAL B 103 -17.37 7.62 5.44
CA VAL B 103 -16.31 7.31 4.45
C VAL B 103 -15.99 5.82 4.32
N GLY B 104 -16.42 5.01 5.29
CA GLY B 104 -16.13 3.58 5.33
C GLY B 104 -14.85 3.27 6.09
N VAL B 105 -14.84 2.12 6.77
CA VAL B 105 -13.65 1.65 7.49
C VAL B 105 -12.47 1.29 6.55
N SER B 106 -12.78 0.96 5.29
CA SER B 106 -11.75 0.70 4.28
C SER B 106 -10.78 1.88 4.07
N VAL B 107 -11.29 3.11 4.24
CA VAL B 107 -10.44 4.31 4.21
C VAL B 107 -9.47 4.30 5.40
N VAL B 108 -9.99 3.98 6.58
CA VAL B 108 -9.18 3.91 7.81
C VAL B 108 -8.10 2.84 7.69
N ASN B 109 -8.48 1.69 7.16
CA ASN B 109 -7.55 0.59 6.90
C ASN B 109 -6.44 0.99 5.94
N ALA B 110 -6.82 1.64 4.83
CA ALA B 110 -5.86 2.10 3.82
C ALA B 110 -4.81 3.07 4.37
N LEU B 111 -5.22 3.96 5.27
CA LEU B 111 -4.32 4.95 5.88
C LEU B 111 -3.76 4.55 7.25
N SER B 112 -3.84 3.25 7.59
CA SER B 112 -3.27 2.72 8.82
C SER B 112 -2.08 1.84 8.48
N GLN B 113 -0.91 2.14 9.04
CA GLN B 113 0.28 1.30 8.85
C GLN B 113 0.12 -0.12 9.42
N LYS B 114 -0.76 -0.27 10.41
CA LYS B 114 -1.20 -1.58 10.88
C LYS B 114 -2.66 -1.51 11.33
N LEU B 115 -3.40 -2.60 11.11
CA LEU B 115 -4.76 -2.74 11.61
C LEU B 115 -5.02 -4.18 12.01
N GLU B 116 -5.50 -4.37 13.24
CA GLU B 116 -5.80 -5.69 13.79
C GLU B 116 -7.32 -5.82 13.89
N LEU B 117 -7.85 -6.88 13.29
CA LEU B 117 -9.28 -7.18 13.32
C LEU B 117 -9.51 -8.47 14.12
N VAL B 118 -10.43 -8.41 15.10
CA VAL B 118 -10.82 -9.59 15.87
C VAL B 118 -12.35 -9.67 15.94
N ILE B 119 -12.92 -10.73 15.38
CA ILE B 119 -14.37 -10.94 15.32
C ILE B 119 -14.74 -12.19 16.13
N GLN B 120 -15.63 -12.01 17.10
CA GLN B 120 -16.17 -13.12 17.88
C GLN B 120 -17.60 -13.37 17.39
N ARG B 121 -17.85 -14.58 16.90
CA ARG B 121 -19.10 -14.87 16.18
C ARG B 121 -19.26 -16.38 16.01
N GLU B 122 -20.49 -16.88 16.21
CA GLU B 122 -20.82 -18.31 16.08
C GLU B 122 -19.88 -19.21 16.89
N GLY B 123 -19.54 -18.78 18.10
CA GLY B 123 -18.67 -19.53 19.00
C GLY B 123 -17.19 -19.57 18.63
N LYS B 124 -16.75 -18.71 17.71
CA LYS B 124 -15.39 -18.76 17.17
C LYS B 124 -14.71 -17.38 17.18
N ILE B 125 -13.41 -17.37 17.45
CA ILE B 125 -12.58 -16.17 17.38
C ILE B 125 -11.94 -16.12 15.99
N HIS B 126 -12.17 -15.02 15.26
CA HIS B 126 -11.58 -14.80 13.94
C HIS B 126 -10.57 -13.66 14.04
N ARG B 127 -9.37 -13.86 13.49
CA ARG B 127 -8.29 -12.86 13.56
C ARG B 127 -7.71 -12.56 12.19
N GLN B 128 -7.38 -11.30 11.95
CA GLN B 128 -6.71 -10.88 10.72
C GLN B 128 -5.91 -9.59 10.96
N ILE B 129 -4.75 -9.49 10.31
CA ILE B 129 -3.87 -8.33 10.40
C ILE B 129 -3.74 -7.72 9.01
N TYR B 130 -3.81 -6.39 8.96
CA TYR B 130 -3.55 -5.62 7.75
C TYR B 130 -2.38 -4.67 7.99
N GLU B 131 -1.67 -4.35 6.93
CA GLU B 131 -0.65 -3.29 6.94
C GLU B 131 -0.82 -2.42 5.70
N HIS B 132 -1.10 -1.13 5.92
CA HIS B 132 -1.40 -0.17 4.84
C HIS B 132 -2.54 -0.65 3.91
N GLY B 133 -3.55 -1.29 4.50
CA GLY B 133 -4.70 -1.82 3.77
C GLY B 133 -4.55 -3.20 3.14
N VAL B 134 -3.35 -3.79 3.24
CA VAL B 134 -3.05 -5.08 2.62
C VAL B 134 -3.19 -6.18 3.69
N PRO B 135 -4.07 -7.18 3.47
CA PRO B 135 -4.19 -8.26 4.45
C PRO B 135 -2.94 -9.15 4.46
N GLN B 136 -2.39 -9.41 5.64
CA GLN B 136 -1.17 -10.22 5.77
C GLN B 136 -1.44 -11.72 5.61
N ALA B 137 -2.66 -12.13 5.93
CA ALA B 137 -3.14 -13.49 5.67
C ALA B 137 -4.67 -13.47 5.60
N PRO B 138 -5.30 -14.55 5.12
CA PRO B 138 -6.76 -14.60 5.16
C PRO B 138 -7.30 -14.63 6.59
N LEU B 139 -8.51 -14.10 6.78
CA LEU B 139 -9.21 -14.18 8.06
C LEU B 139 -9.21 -15.63 8.55
N ALA B 140 -8.71 -15.85 9.76
CA ALA B 140 -8.46 -17.18 10.30
C ALA B 140 -9.20 -17.40 11.61
N VAL B 141 -9.84 -18.57 11.75
CA VAL B 141 -10.42 -18.98 13.03
C VAL B 141 -9.27 -19.50 13.89
N THR B 142 -8.98 -18.77 14.97
CA THR B 142 -7.87 -19.09 15.85
C THR B 142 -8.28 -19.76 17.17
N GLY B 143 -9.57 -19.72 17.51
CA GLY B 143 -10.03 -20.29 18.78
C GLY B 143 -11.52 -20.23 19.00
N GLU B 144 -11.92 -20.40 20.26
CA GLU B 144 -13.33 -20.47 20.65
C GLU B 144 -13.68 -19.37 21.65
N THR B 145 -14.97 -19.06 21.72
CA THR B 145 -15.48 -17.99 22.60
C THR B 145 -16.97 -18.12 22.83
N GLU B 146 -17.42 -17.74 24.03
CA GLU B 146 -18.85 -17.62 24.34
C GLU B 146 -19.40 -16.25 23.97
N LYS B 147 -18.52 -15.24 23.92
CA LYS B 147 -18.90 -13.86 23.60
C LYS B 147 -19.04 -13.63 22.10
N THR B 148 -19.67 -12.50 21.77
CA THR B 148 -19.77 -12.02 20.39
C THR B 148 -19.29 -10.56 20.32
N GLY B 149 -18.87 -10.14 19.14
CA GLY B 149 -18.45 -8.75 18.91
C GLY B 149 -17.35 -8.57 17.88
N THR B 150 -17.00 -7.31 17.66
CA THR B 150 -15.94 -6.94 16.72
C THR B 150 -14.98 -5.98 17.40
N MET B 151 -13.69 -6.18 17.19
CA MET B 151 -12.65 -5.30 17.70
C MET B 151 -11.75 -4.89 16.52
N VAL B 152 -11.58 -3.58 16.35
CA VAL B 152 -10.64 -3.03 15.37
C VAL B 152 -9.65 -2.14 16.11
N ARG B 153 -8.36 -2.48 16.00
CA ARG B 153 -7.28 -1.66 16.54
C ARG B 153 -6.41 -1.23 15.39
N PHE B 154 -6.20 0.09 15.25
CA PHE B 154 -5.43 0.62 14.14
C PHE B 154 -4.29 1.54 14.59
N TRP B 155 -3.20 1.46 13.83
CA TRP B 155 -2.02 2.30 14.02
C TRP B 155 -2.01 3.25 12.83
N PRO B 156 -2.28 4.56 13.06
CA PRO B 156 -2.30 5.52 11.94
C PRO B 156 -0.96 5.57 11.21
N SER B 157 -1.01 5.64 9.88
CA SER B 157 0.21 5.67 9.08
C SER B 157 0.93 7.01 9.26
N LEU B 158 2.15 6.96 9.76
CA LEU B 158 2.98 8.16 9.92
C LEU B 158 3.53 8.69 8.59
N GLU B 159 3.40 7.90 7.53
CA GLU B 159 3.67 8.36 6.16
C GLU B 159 2.57 9.30 5.64
N THR B 160 1.33 9.08 6.08
CA THR B 160 0.19 9.94 5.70
C THR B 160 -0.02 11.06 6.71
N PHE B 161 -0.10 10.71 8.00
CA PHE B 161 -0.42 11.66 9.06
C PHE B 161 0.84 12.31 9.63
N THR B 162 1.03 13.59 9.29
CA THR B 162 2.21 14.36 9.67
C THR B 162 1.84 15.45 10.68
N ASN B 163 2.87 16.01 11.32
CA ASN B 163 2.75 17.15 12.24
C ASN B 163 2.01 16.78 13.54
N VAL B 164 0.68 16.61 13.46
CA VAL B 164 -0.12 16.12 14.59
C VAL B 164 -0.31 14.60 14.41
N THR B 165 0.37 13.82 15.24
CA THR B 165 0.35 12.34 15.14
C THR B 165 -0.13 11.62 16.40
N GLU B 166 -0.49 12.36 17.46
CA GLU B 166 -0.92 11.78 18.73
C GLU B 166 -2.38 12.12 19.02
N PHE B 167 -3.10 11.16 19.59
CA PHE B 167 -4.53 11.32 19.88
C PHE B 167 -4.76 12.14 21.14
N GLU B 168 -5.51 13.23 21.01
CA GLU B 168 -5.94 14.08 22.12
C GLU B 168 -7.18 13.48 22.77
N TYR B 169 -7.09 13.21 24.07
CA TYR B 169 -8.19 12.62 24.84
C TYR B 169 -9.46 13.47 24.84
N GLU B 170 -9.28 14.79 24.99
CA GLU B 170 -10.39 15.73 25.08
C GLU B 170 -11.27 15.78 23.83
N ILE B 171 -10.65 15.63 22.65
CA ILE B 171 -11.38 15.61 21.38
C ILE B 171 -12.29 14.38 21.30
N LEU B 172 -11.77 13.22 21.71
CA LEU B 172 -12.55 11.98 21.72
C LEU B 172 -13.64 12.01 22.80
N ALA B 173 -13.27 12.41 24.01
CA ALA B 173 -14.20 12.45 25.14
C ALA B 173 -15.42 13.34 24.89
N LYS B 174 -15.17 14.54 24.35
CA LYS B 174 -16.23 15.48 23.99
C LYS B 174 -17.19 14.90 22.95
N ARG B 175 -16.63 14.33 21.88
CA ARG B 175 -17.43 13.75 20.79
C ARG B 175 -18.27 12.56 21.25
N LEU B 176 -17.65 11.65 22.01
CA LEU B 176 -18.35 10.46 22.50
C LEU B 176 -19.48 10.80 23.48
N ARG B 177 -19.30 11.87 24.27
CA ARG B 177 -20.36 12.38 25.12
C ARG B 177 -21.56 12.86 24.29
N GLU B 178 -21.27 13.64 23.24
CA GLU B 178 -22.32 14.14 22.33
C GLU B 178 -23.05 12.96 21.66
N LEU B 179 -22.28 11.97 21.20
CA LEU B 179 -22.83 10.75 20.58
C LEU B 179 -23.75 9.95 21.49
N SER B 180 -23.39 9.86 22.78
CA SER B 180 -24.16 9.05 23.74
C SER B 180 -25.63 9.45 23.83
N PHE B 181 -25.90 10.76 23.77
CA PHE B 181 -27.28 11.27 23.82
C PHE B 181 -28.11 10.97 22.56
N LEU B 182 -27.45 10.80 21.41
CA LEU B 182 -28.13 10.38 20.17
C LEU B 182 -28.33 8.87 20.04
N ASN B 183 -27.70 8.08 20.92
CA ASN B 183 -27.73 6.62 20.85
C ASN B 183 -28.13 6.02 22.19
N SER B 184 -29.44 5.91 22.40
CA SER B 184 -30.01 5.46 23.67
C SER B 184 -29.71 3.99 23.97
N GLY B 185 -29.32 3.71 25.21
CA GLY B 185 -29.02 2.37 25.66
C GLY B 185 -27.65 1.83 25.31
N VAL B 186 -26.82 2.67 24.68
CA VAL B 186 -25.47 2.26 24.24
C VAL B 186 -24.47 2.78 25.25
N SER B 187 -23.78 1.87 25.95
CA SER B 187 -22.72 2.23 26.88
C SER B 187 -21.45 2.53 26.09
N ILE B 188 -20.85 3.70 26.32
CA ILE B 188 -19.61 4.10 25.65
C ILE B 188 -18.55 4.36 26.71
N ARG B 189 -17.54 3.51 26.76
CA ARG B 189 -16.39 3.68 27.66
C ARG B 189 -15.18 4.20 26.89
N LEU B 190 -14.48 5.16 27.48
CA LEU B 190 -13.25 5.72 26.92
C LEU B 190 -12.13 5.49 27.92
N ARG B 191 -10.99 4.98 27.42
CA ARG B 191 -9.83 4.65 28.26
C ARG B 191 -8.56 5.18 27.64
N ASP B 192 -7.72 5.82 28.45
CA ASP B 192 -6.40 6.30 28.03
C ASP B 192 -5.35 5.53 28.82
N LYS B 193 -4.67 4.60 28.16
CA LYS B 193 -3.62 3.80 28.80
C LYS B 193 -2.29 4.55 29.00
N ARG B 194 -2.16 5.74 28.40
CA ARG B 194 -0.97 6.58 28.59
C ARG B 194 -0.91 7.18 30.00
N ASP B 195 -2.05 7.64 30.51
CA ASP B 195 -2.14 8.23 31.86
C ASP B 195 -3.21 7.61 32.79
N GLY B 196 -3.90 6.56 32.34
CA GLY B 196 -4.95 5.92 33.13
C GLY B 196 -6.28 6.65 33.22
N LYS B 197 -6.48 7.68 32.39
CA LYS B 197 -7.73 8.44 32.40
C LYS B 197 -8.86 7.62 31.81
N GLU B 198 -10.04 7.69 32.43
CA GLU B 198 -11.21 6.93 32.00
C GLU B 198 -12.51 7.74 32.09
N ASP B 199 -13.42 7.48 31.16
CA ASP B 199 -14.77 8.06 31.16
C ASP B 199 -15.79 7.02 30.74
N HIS B 200 -17.03 7.20 31.21
CA HIS B 200 -18.14 6.32 30.86
C HIS B 200 -19.36 7.16 30.52
N PHE B 201 -19.80 7.06 29.26
CA PHE B 201 -20.97 7.79 28.76
C PHE B 201 -22.07 6.78 28.45
N HIS B 202 -23.16 6.82 29.22
CA HIS B 202 -24.29 5.92 29.04
C HIS B 202 -25.59 6.68 29.29
N TYR B 203 -26.29 7.00 28.20
CA TYR B 203 -27.58 7.69 28.24
C TYR B 203 -28.68 6.66 27.96
N GLU B 204 -29.63 6.55 28.88
CA GLU B 204 -30.70 5.53 28.81
C GLU B 204 -32.08 6.11 28.47
N GLY B 205 -32.12 7.30 27.86
CA GLY B 205 -33.38 7.99 27.59
C GLY B 205 -34.22 7.36 26.49
N GLY B 206 -35.54 7.54 26.60
CA GLY B 206 -36.49 6.88 25.71
C GLY B 206 -36.66 5.41 26.07
#